data_8G67
#
_entry.id   8G67
#
_cell.length_a   89.570
_cell.length_b   89.570
_cell.length_c   164.310
_cell.angle_alpha   90.00
_cell.angle_beta   90.00
_cell.angle_gamma   90.00
#
_symmetry.space_group_name_H-M   'P 43 21 2'
#
loop_
_entity.id
_entity.type
_entity.pdbx_description
1 polymer 'Tyrosine-protein phosphatase non-receptor type 1'
2 non-polymer 6-methyl-4-(piperazin-1-yl)-2-(trifluoromethyl)quinoline
3 non-polymer 'MAGNESIUM ION'
4 non-polymer 'DIMETHYL SULFOXIDE'
5 water water
#
_entity_poly.entity_id   1
_entity_poly.type   'polypeptide(L)'
_entity_poly.pdbx_seq_one_letter_code
;MEMEKEFEQIDKSGSWAAIYQDIRHEASDFPCRVAKLPKNKNRNRYRDVSPFDHSRIKLHQEDNDYINASLIKMEEAQRS
YILTQGPLPNTCGHFWEMVWEQKSRGVVMLNRVMEKGSLKCAQYWPQKEEKEMIFEDTNLKLTLISEDIKSYYTVRQLEL
ENLTTQETREILHFHYTTWPDFGVPESPASFLNFLFKVRESGSLSPEHGPVVVHCSAGIGRSGTFCLADTCLLLMDKRKD
PSSVDIKKVLLEMRKFRMGLIQTADQLRFSYLAVIEGAKFIMGDSSVQDQWKELSHED
;
_entity_poly.pdbx_strand_id   A,B
#
loop_
_chem_comp.id
_chem_comp.type
_chem_comp.name
_chem_comp.formula
DMS non-polymer 'DIMETHYL SULFOXIDE' 'C2 H6 O S'
KB8 non-polymer 6-methyl-4-(piperazin-1-yl)-2-(trifluoromethyl)quinoline 'C15 H16 F3 N3'
MG non-polymer 'MAGNESIUM ION' 'Mg 2'
#
# COMPACT_ATOMS: atom_id res chain seq x y z
N GLU A 2 14.67 -5.94 -5.64
CA GLU A 2 16.05 -5.82 -5.02
C GLU A 2 16.05 -5.06 -3.69
N MET A 3 15.47 -3.85 -3.68
CA MET A 3 15.54 -2.93 -2.51
C MET A 3 15.17 -3.63 -1.20
N GLU A 4 14.13 -4.45 -1.27
CA GLU A 4 13.72 -5.34 -0.16
C GLU A 4 14.84 -6.24 0.42
N LYS A 5 15.66 -6.75 -0.48
CA LYS A 5 16.71 -7.65 -0.08
C LYS A 5 17.94 -6.93 0.48
N GLU A 6 18.32 -5.78 -0.13
CA GLU A 6 19.36 -4.90 0.49
C GLU A 6 18.94 -4.46 1.89
N PHE A 7 17.69 -3.99 2.01
CA PHE A 7 17.16 -3.59 3.32
C PHE A 7 17.33 -4.75 4.34
N GLU A 8 16.95 -5.98 3.93
CA GLU A 8 17.15 -7.15 4.78
C GLU A 8 18.60 -7.32 5.27
N GLN A 9 19.60 -7.22 4.35
CA GLN A 9 21.01 -7.31 4.73
C GLN A 9 21.50 -6.21 5.67
N ILE A 10 21.10 -4.95 5.38
CA ILE A 10 21.55 -3.81 6.19
C ILE A 10 20.98 -3.95 7.61
N ASP A 11 19.69 -4.32 7.72
CA ASP A 11 19.08 -4.58 9.04
C ASP A 11 19.82 -5.69 9.83
N LYS A 12 20.14 -6.80 9.15
CA LYS A 12 20.82 -7.94 9.76
C LYS A 12 22.22 -7.58 10.26
N SER A 13 22.97 -6.82 9.44
CA SER A 13 24.32 -6.38 9.81
C SER A 13 24.35 -5.15 10.74
N GLY A 14 23.23 -4.46 10.96
CA GLY A 14 23.20 -3.21 11.74
C GLY A 14 24.06 -2.09 11.13
N SER A 15 23.97 -1.98 9.81
CA SER A 15 24.89 -1.10 9.06
CA SER A 15 24.84 -1.13 8.98
C SER A 15 24.29 0.26 8.62
N TRP A 16 23.15 0.65 9.22
CA TRP A 16 22.48 1.90 8.87
C TRP A 16 23.38 3.12 9.21
N ALA A 17 23.98 3.08 10.39
CA ALA A 17 24.83 4.23 10.80
C ALA A 17 26.08 4.38 9.91
N ALA A 18 26.68 3.22 9.55
CA ALA A 18 27.89 3.23 8.67
C ALA A 18 27.51 3.79 7.28
N ILE A 19 26.37 3.36 6.75
CA ILE A 19 25.96 3.85 5.45
C ILE A 19 25.68 5.36 5.48
N TYR A 20 24.95 5.79 6.53
CA TYR A 20 24.70 7.19 6.75
C TYR A 20 26.03 8.05 6.83
N GLN A 21 27.04 7.61 7.62
CA GLN A 21 28.32 8.35 7.72
C GLN A 21 28.95 8.46 6.35
N ASP A 22 28.85 7.42 5.54
CA ASP A 22 29.33 7.43 4.14
C ASP A 22 28.72 8.53 3.30
N ILE A 23 27.39 8.61 3.34
CA ILE A 23 26.63 9.69 2.64
C ILE A 23 27.15 11.04 3.05
N ARG A 24 27.28 11.23 4.36
CA ARG A 24 27.81 12.52 4.87
C ARG A 24 29.22 12.81 4.38
N HIS A 25 30.11 11.81 4.40
CA HIS A 25 31.48 12.00 3.91
CA HIS A 25 31.50 12.02 3.91
C HIS A 25 31.54 12.43 2.44
N GLU A 26 30.68 11.82 1.63
CA GLU A 26 30.61 12.01 0.16
C GLU A 26 29.85 13.26 -0.29
N ALA A 27 28.99 13.87 0.60
CA ALA A 27 28.20 14.98 0.16
C ALA A 27 28.97 16.19 -0.33
N SER A 28 28.30 16.85 -1.27
CA SER A 28 28.69 18.19 -1.82
C SER A 28 28.92 19.25 -0.75
N ASP A 29 29.87 20.17 -1.00
CA ASP A 29 30.00 21.37 -0.25
C ASP A 29 30.17 22.56 -1.18
N PHE A 30 29.31 23.56 -0.99
CA PHE A 30 29.27 24.78 -1.79
C PHE A 30 29.16 25.98 -0.84
N PRO A 31 29.55 27.18 -1.32
CA PRO A 31 29.54 28.30 -0.32
C PRO A 31 28.08 28.79 0.00
N CYS A 32 27.99 29.39 1.20
CA CYS A 32 26.75 30.01 1.70
CA CYS A 32 26.75 30.00 1.67
C CYS A 32 27.09 31.38 2.26
N ARG A 33 27.73 32.21 1.43
CA ARG A 33 28.16 33.52 1.90
C ARG A 33 26.99 34.45 2.27
N VAL A 34 25.92 34.43 1.49
CA VAL A 34 24.83 35.36 1.82
C VAL A 34 24.18 35.02 3.18
N ALA A 35 23.98 33.72 3.43
CA ALA A 35 23.39 33.27 4.70
C ALA A 35 24.18 33.76 5.91
N LYS A 36 25.50 33.86 5.72
CA LYS A 36 26.42 34.24 6.79
C LYS A 36 26.67 35.76 6.98
N LEU A 37 26.10 36.58 6.12
CA LEU A 37 26.20 38.06 6.38
C LEU A 37 25.67 38.44 7.75
N PRO A 38 26.34 39.41 8.41
CA PRO A 38 25.87 39.84 9.73
C PRO A 38 24.39 40.22 9.77
N LYS A 39 23.91 40.97 8.78
CA LYS A 39 22.48 41.36 8.79
C LYS A 39 21.49 40.20 8.67
N ASN A 40 21.97 39.00 8.28
CA ASN A 40 21.06 37.87 8.14
C ASN A 40 21.00 36.93 9.34
N LYS A 41 21.68 37.29 10.43
CA LYS A 41 21.80 36.43 11.61
C LYS A 41 20.39 36.10 12.16
N ASN A 42 19.53 37.11 12.26
CA ASN A 42 18.16 36.86 12.80
C ASN A 42 17.15 36.25 11.78
N ARG A 43 17.60 35.87 10.60
CA ARG A 43 16.78 35.16 9.62
C ARG A 43 17.04 33.61 9.55
N ASN A 44 17.98 33.15 10.37
CA ASN A 44 18.39 31.74 10.43
C ASN A 44 18.04 31.14 11.79
N ARG A 45 17.24 30.06 11.75
CA ARG A 45 16.86 29.37 13.00
C ARG A 45 18.09 28.71 13.62
N TYR A 46 18.93 28.08 12.76
CA TYR A 46 20.11 27.33 13.22
C TYR A 46 21.40 27.76 12.51
N ARG A 47 22.48 28.02 13.24
CA ARG A 47 23.66 28.58 12.55
C ARG A 47 24.37 27.54 11.66
N ASP A 48 24.08 26.26 11.88
CA ASP A 48 24.71 25.15 11.11
C ASP A 48 23.84 24.58 9.95
N VAL A 49 22.70 25.22 9.70
CA VAL A 49 21.84 24.93 8.55
C VAL A 49 21.61 26.17 7.71
N SER A 50 22.25 26.22 6.55
CA SER A 50 22.16 27.35 5.63
C SER A 50 21.91 26.91 4.19
N PRO A 51 21.28 27.76 3.37
CA PRO A 51 21.14 27.49 1.92
C PRO A 51 22.42 27.82 1.13
N PHE A 52 22.77 27.00 0.14
CA PHE A 52 23.89 27.31 -0.72
C PHE A 52 23.51 28.55 -1.56
N ASP A 53 24.53 29.38 -1.83
CA ASP A 53 24.30 30.50 -2.69
C ASP A 53 23.69 30.18 -4.03
N HIS A 54 24.17 29.08 -4.70
CA HIS A 54 23.76 28.82 -6.07
C HIS A 54 22.26 28.43 -6.22
N SER A 55 21.69 27.88 -5.13
CA SER A 55 20.30 27.41 -5.20
C SER A 55 19.32 28.12 -4.25
N ARG A 56 19.78 29.14 -3.53
CA ARG A 56 18.87 29.88 -2.60
C ARG A 56 17.73 30.58 -3.32
N ILE A 57 16.57 30.67 -2.60
CA ILE A 57 15.45 31.43 -3.15
C ILE A 57 15.67 32.93 -2.78
N LYS A 58 15.58 33.81 -3.81
CA LYS A 58 15.70 35.26 -3.61
C LYS A 58 14.27 35.90 -3.49
N LEU A 59 14.05 36.63 -2.40
CA LEU A 59 12.83 37.50 -2.32
C LEU A 59 12.92 38.68 -3.30
N HIS A 60 11.78 39.11 -3.88
CA HIS A 60 11.72 40.18 -4.91
C HIS A 60 11.54 41.59 -4.35
N GLN A 61 11.12 41.64 -3.12
CA GLN A 61 11.11 42.81 -2.34
C GLN A 61 12.52 42.84 -1.73
N GLU A 62 13.35 43.51 -2.51
N GLU A 62 13.03 44.06 -1.86
CA GLU A 62 14.70 44.04 -2.15
CA GLU A 62 14.38 44.40 -2.30
C GLU A 62 14.78 45.15 -1.07
C GLU A 62 15.32 45.26 -1.41
N ASP A 63 16.02 45.55 -0.75
N ASP A 63 15.00 45.44 -0.12
CA ASP A 63 16.35 45.99 0.60
CA ASP A 63 16.03 45.96 0.80
C ASP A 63 17.02 44.82 1.35
C ASP A 63 16.95 44.83 1.22
N ASN A 64 16.37 43.64 1.33
CA ASN A 64 17.10 42.42 1.70
C ASN A 64 16.36 41.23 1.08
N ASP A 65 16.99 40.52 0.16
CA ASP A 65 16.40 39.44 -0.58
C ASP A 65 16.57 38.05 0.13
N TYR A 66 17.07 37.99 1.33
CA TYR A 66 17.45 36.70 1.97
C TYR A 66 16.28 35.98 2.75
N ILE A 67 16.12 34.70 2.42
CA ILE A 67 15.30 33.74 3.17
C ILE A 67 16.00 32.34 3.22
N ASN A 68 15.94 31.67 4.38
CA ASN A 68 16.59 30.34 4.52
C ASN A 68 15.72 29.29 3.77
N ALA A 69 15.90 29.19 2.47
CA ALA A 69 15.14 28.34 1.55
C ALA A 69 15.92 28.02 0.28
N SER A 70 15.74 26.80 -0.25
CA SER A 70 16.52 26.32 -1.39
C SER A 70 15.65 25.69 -2.47
N LEU A 71 15.93 25.90 -3.74
CA LEU A 71 15.25 25.22 -4.83
C LEU A 71 15.94 23.89 -5.16
N ILE A 72 15.25 22.75 -4.97
CA ILE A 72 15.71 21.42 -5.35
CA ILE A 72 15.70 21.39 -5.30
C ILE A 72 15.06 21.08 -6.66
N LYS A 73 15.90 21.02 -7.73
CA LYS A 73 15.40 20.88 -9.11
CA LYS A 73 15.42 20.90 -9.10
C LYS A 73 15.86 19.51 -9.62
N MET A 74 14.98 18.52 -9.62
CA MET A 74 15.33 17.15 -10.02
C MET A 74 15.04 16.97 -11.52
N GLU A 75 16.12 16.76 -12.29
CA GLU A 75 16.07 16.84 -13.75
CA GLU A 75 16.08 16.84 -13.75
C GLU A 75 15.40 15.62 -14.42
N GLU A 76 15.87 14.42 -14.11
CA GLU A 76 15.26 13.14 -14.64
C GLU A 76 13.80 12.93 -14.18
N ALA A 77 13.54 13.20 -12.89
CA ALA A 77 12.20 13.02 -12.32
C ALA A 77 11.24 14.12 -12.77
N GLN A 78 11.79 15.26 -13.23
CA GLN A 78 10.99 16.40 -13.70
CA GLN A 78 11.00 16.40 -13.70
C GLN A 78 10.06 16.98 -12.61
N ARG A 79 10.60 17.21 -11.43
CA ARG A 79 9.87 17.78 -10.28
C ARG A 79 10.83 18.74 -9.58
N SER A 80 10.27 19.87 -9.12
CA SER A 80 10.95 20.81 -8.25
C SER A 80 10.25 20.95 -6.90
N TYR A 81 11.02 21.25 -5.86
CA TYR A 81 10.58 21.50 -4.50
C TYR A 81 11.37 22.70 -3.92
N ILE A 82 10.73 23.47 -3.04
CA ILE A 82 11.44 24.45 -2.17
C ILE A 82 11.50 23.90 -0.73
N LEU A 83 12.67 23.64 -0.21
CA LEU A 83 12.89 23.23 1.16
C LEU A 83 13.29 24.43 1.97
N THR A 84 12.57 24.67 3.06
CA THR A 84 12.80 25.83 3.93
C THR A 84 12.66 25.45 5.42
N GLN A 85 13.26 26.21 6.32
CA GLN A 85 13.14 26.07 7.74
C GLN A 85 11.71 26.50 8.15
N GLY A 86 11.33 26.03 9.32
CA GLY A 86 10.11 26.49 9.96
C GLY A 86 10.22 28.01 10.20
N PRO A 87 9.21 28.80 9.76
CA PRO A 87 9.40 30.28 9.94
C PRO A 87 9.59 30.72 11.39
N LEU A 88 10.39 31.77 11.56
CA LEU A 88 10.61 32.47 12.82
C LEU A 88 9.52 33.58 12.99
N PRO A 89 9.31 34.03 14.23
CA PRO A 89 8.36 35.15 14.45
C PRO A 89 8.57 36.36 13.56
N ASN A 90 9.81 36.61 13.13
CA ASN A 90 10.16 37.76 12.29
C ASN A 90 10.31 37.46 10.79
N THR A 91 10.13 36.19 10.41
CA THR A 91 10.22 35.79 9.01
C THR A 91 8.93 35.17 8.43
N CYS A 92 7.76 35.28 9.17
CA CYS A 92 6.51 34.76 8.59
C CYS A 92 6.05 35.54 7.34
N GLY A 93 6.22 36.89 7.44
CA GLY A 93 5.97 37.71 6.25
C GLY A 93 6.85 37.33 5.02
N HIS A 94 8.14 37.09 5.28
CA HIS A 94 9.04 36.60 4.18
C HIS A 94 8.64 35.25 3.58
N PHE A 95 8.18 34.33 4.46
CA PHE A 95 7.69 33.02 4.04
C PHE A 95 6.55 33.19 3.05
N TRP A 96 5.49 33.98 3.47
CA TRP A 96 4.35 34.14 2.57
C TRP A 96 4.66 34.93 1.27
N GLU A 97 5.66 35.87 1.41
CA GLU A 97 6.14 36.58 0.22
C GLU A 97 6.74 35.58 -0.82
N MET A 98 7.52 34.64 -0.28
CA MET A 98 8.09 33.56 -1.14
C MET A 98 7.04 32.69 -1.84
N VAL A 99 5.99 32.29 -1.07
CA VAL A 99 4.93 31.50 -1.65
C VAL A 99 4.20 32.28 -2.78
N TRP A 100 3.88 33.54 -2.49
CA TRP A 100 3.33 34.41 -3.53
C TRP A 100 4.24 34.52 -4.80
N GLU A 101 5.47 34.98 -4.58
CA GLU A 101 6.39 35.25 -5.73
C GLU A 101 6.74 33.98 -6.58
N GLN A 102 6.84 32.84 -5.90
CA GLN A 102 7.19 31.59 -6.61
C GLN A 102 5.98 30.86 -7.17
N LYS A 103 4.75 31.38 -6.88
CA LYS A 103 3.52 30.83 -7.47
C LYS A 103 3.19 29.41 -6.98
N SER A 104 3.60 29.11 -5.76
CA SER A 104 3.34 27.79 -5.11
C SER A 104 1.81 27.66 -4.86
N ARG A 105 1.29 26.46 -5.01
CA ARG A 105 -0.11 26.10 -4.70
C ARG A 105 -0.24 25.36 -3.37
N GLY A 106 0.80 24.64 -2.95
CA GLY A 106 0.80 23.92 -1.73
C GLY A 106 1.94 24.17 -0.79
N VAL A 107 1.71 24.04 0.51
CA VAL A 107 2.70 24.06 1.61
C VAL A 107 2.55 22.72 2.39
N VAL A 108 3.66 22.00 2.54
CA VAL A 108 3.76 20.79 3.31
C VAL A 108 4.51 21.01 4.62
N MET A 109 3.87 20.77 5.74
CA MET A 109 4.44 20.90 7.07
C MET A 109 4.58 19.55 7.78
N LEU A 110 5.74 19.24 8.33
CA LEU A 110 5.99 17.92 8.86
C LEU A 110 6.31 17.90 10.36
N ASN A 111 5.95 18.97 11.07
CA ASN A 111 6.25 19.08 12.50
C ASN A 111 5.02 19.72 13.18
N ARG A 112 5.02 19.75 14.51
CA ARG A 112 4.05 20.54 15.35
C ARG A 112 4.82 21.80 15.83
N VAL A 113 4.11 22.89 16.04
CA VAL A 113 4.67 24.16 16.55
C VAL A 113 5.48 23.96 17.82
N MET A 114 4.98 23.15 18.72
CA MET A 114 5.72 22.77 19.92
C MET A 114 5.95 21.25 20.00
N GLU A 115 7.18 20.86 20.29
CA GLU A 115 7.55 19.45 20.53
C GLU A 115 8.57 19.45 21.66
N LYS A 116 8.33 18.56 22.62
CA LYS A 116 9.13 18.41 23.83
C LYS A 116 9.25 19.67 24.67
N GLY A 117 8.19 20.45 24.69
CA GLY A 117 8.14 21.69 25.41
C GLY A 117 9.02 22.78 24.82
N SER A 118 9.39 22.65 23.55
CA SER A 118 10.17 23.70 22.88
CA SER A 118 10.20 23.68 22.86
C SER A 118 9.53 24.11 21.55
N LEU A 119 9.61 25.40 21.26
CA LEU A 119 9.10 25.94 20.01
C LEU A 119 10.01 25.50 18.88
N LYS A 120 9.39 24.93 17.87
CA LYS A 120 10.03 24.49 16.65
C LYS A 120 9.70 25.30 15.38
N CYS A 121 8.60 26.05 15.43
CA CYS A 121 8.09 26.79 14.31
C CYS A 121 7.11 27.87 14.85
N ALA A 122 7.03 29.00 14.19
CA ALA A 122 6.05 30.03 14.49
C ALA A 122 4.63 29.58 14.05
N GLN A 123 3.59 30.17 14.71
CA GLN A 123 2.19 29.98 14.29
C GLN A 123 1.94 30.90 13.12
N TYR A 124 2.27 30.42 11.91
CA TYR A 124 2.32 31.23 10.70
C TYR A 124 1.08 31.28 9.85
N TRP A 125 0.05 30.53 10.33
CA TRP A 125 -1.25 30.51 9.66
C TRP A 125 -2.35 30.73 10.76
N PRO A 126 -3.48 31.30 10.32
CA PRO A 126 -4.63 31.49 11.24
C PRO A 126 -5.36 30.22 11.62
N GLN A 127 -5.64 30.10 12.89
CA GLN A 127 -6.40 28.96 13.46
C GLN A 127 -7.92 29.08 13.47
N LYS A 128 -8.42 30.26 13.26
CA LYS A 128 -9.86 30.52 13.24
C LYS A 128 -10.24 31.42 12.03
N GLU A 129 -11.33 31.04 11.34
CA GLU A 129 -11.85 31.70 10.15
C GLU A 129 -11.98 33.23 10.37
N GLU A 130 -12.53 33.60 11.50
CA GLU A 130 -12.80 35.01 11.82
C GLU A 130 -11.64 35.86 12.31
N LYS A 131 -10.45 35.25 12.48
CA LYS A 131 -9.29 35.98 12.96
C LYS A 131 -8.15 35.82 11.94
N GLU A 132 -8.28 36.56 10.84
CA GLU A 132 -7.24 36.55 9.80
C GLU A 132 -5.92 37.19 10.25
N MET A 133 -4.83 36.86 9.49
CA MET A 133 -3.50 37.42 9.72
C MET A 133 -3.09 38.43 8.64
N ILE A 134 -2.54 39.55 9.12
CA ILE A 134 -1.96 40.54 8.22
C ILE A 134 -0.45 40.62 8.46
N PHE A 135 0.35 40.45 7.39
CA PHE A 135 1.82 40.66 7.45
C PHE A 135 2.19 42.04 6.90
N GLU A 136 2.35 42.99 7.82
CA GLU A 136 2.51 44.42 7.46
C GLU A 136 3.77 44.69 6.62
N ASP A 137 4.86 43.98 6.90
CA ASP A 137 6.14 44.19 6.20
C ASP A 137 6.12 43.78 4.73
N THR A 138 5.36 42.73 4.36
CA THR A 138 5.25 42.28 2.99
C THR A 138 3.88 42.52 2.31
N ASN A 139 2.99 43.21 3.02
CA ASN A 139 1.71 43.63 2.49
C ASN A 139 0.84 42.50 1.96
N LEU A 140 0.69 41.51 2.85
CA LEU A 140 -0.09 40.28 2.56
C LEU A 140 -1.14 40.01 3.65
N LYS A 141 -2.30 39.50 3.23
CA LYS A 141 -3.39 39.02 4.16
C LYS A 141 -3.59 37.52 3.96
N LEU A 142 -3.80 36.81 5.07
CA LEU A 142 -4.01 35.36 5.04
C LEU A 142 -5.28 34.98 5.89
N THR A 143 -6.19 34.27 5.25
CA THR A 143 -7.46 33.88 5.88
C THR A 143 -7.65 32.34 5.82
N LEU A 144 -8.04 31.77 6.96
CA LEU A 144 -8.49 30.35 6.97
C LEU A 144 -9.90 30.21 6.39
N ILE A 145 -10.08 29.44 5.32
CA ILE A 145 -11.36 29.19 4.68
C ILE A 145 -12.07 27.97 5.21
N SER A 146 -11.34 26.87 5.38
CA SER A 146 -11.89 25.61 5.95
C SER A 146 -10.74 24.68 6.29
N GLU A 147 -11.03 23.64 7.04
CA GLU A 147 -10.07 22.56 7.24
C GLU A 147 -10.71 21.19 7.46
N ASP A 148 -9.99 20.14 7.06
CA ASP A 148 -10.41 18.76 7.22
C ASP A 148 -9.38 18.08 8.14
N ILE A 149 -9.78 17.83 9.38
CA ILE A 149 -8.92 17.27 10.39
C ILE A 149 -9.12 15.77 10.44
N LYS A 150 -8.01 15.03 10.19
CA LYS A 150 -8.01 13.56 10.35
C LYS A 150 -7.08 13.08 11.44
N SER A 151 -7.05 11.74 11.68
CA SER A 151 -6.29 11.20 12.83
C SER A 151 -4.79 11.36 12.67
N TYR A 152 -4.26 11.32 11.42
CA TYR A 152 -2.80 11.41 11.15
C TYR A 152 -2.31 12.73 10.50
N TYR A 153 -3.23 13.46 9.86
CA TYR A 153 -2.91 14.73 9.20
C TYR A 153 -4.14 15.63 9.04
N THR A 154 -3.90 16.90 8.72
CA THR A 154 -4.94 17.95 8.55
C THR A 154 -4.65 18.65 7.22
N VAL A 155 -5.70 18.88 6.41
CA VAL A 155 -5.64 19.65 5.18
C VAL A 155 -6.43 20.94 5.32
N ARG A 156 -5.79 22.11 5.14
CA ARG A 156 -6.50 23.40 5.22
C ARG A 156 -6.59 24.11 3.89
N GLN A 157 -7.70 24.81 3.66
CA GLN A 157 -7.88 25.74 2.53
C GLN A 157 -7.62 27.11 3.04
N LEU A 158 -6.57 27.77 2.50
CA LEU A 158 -6.26 29.16 2.87
C LEU A 158 -6.45 30.12 1.68
N GLU A 159 -6.76 31.39 1.99
CA GLU A 159 -6.79 32.46 0.94
C GLU A 159 -5.71 33.50 1.22
N LEU A 160 -4.78 33.63 0.24
CA LEU A 160 -3.66 34.57 0.34
C LEU A 160 -3.93 35.75 -0.59
N GLU A 161 -3.93 36.94 -0.01
CA GLU A 161 -4.19 38.17 -0.82
C GLU A 161 -2.98 39.11 -0.80
N ASN A 162 -2.58 39.52 -2.00
CA ASN A 162 -1.58 40.61 -2.16
C ASN A 162 -2.27 41.97 -2.01
N LEU A 163 -2.09 42.62 -0.85
CA LEU A 163 -2.82 43.89 -0.59
C LEU A 163 -2.46 45.03 -1.56
N THR A 164 -1.25 44.99 -2.13
CA THR A 164 -0.80 46.01 -3.07
C THR A 164 -1.65 46.00 -4.34
N THR A 165 -2.13 44.80 -4.70
CA THR A 165 -2.88 44.64 -5.94
C THR A 165 -4.30 44.14 -5.79
N GLN A 166 -4.65 43.67 -4.59
CA GLN A 166 -5.92 43.00 -4.25
C GLN A 166 -6.17 41.66 -5.01
N GLU A 167 -5.13 41.15 -5.66
CA GLU A 167 -5.14 39.79 -6.23
CA GLU A 167 -5.23 39.79 -6.24
C GLU A 167 -5.24 38.75 -5.10
N THR A 168 -6.09 37.72 -5.26
CA THR A 168 -6.15 36.60 -4.28
C THR A 168 -5.82 35.25 -4.96
N ARG A 169 -5.36 34.34 -4.12
CA ARG A 169 -5.06 32.94 -4.52
C ARG A 169 -5.39 31.93 -3.44
N GLU A 170 -5.92 30.77 -3.85
CA GLU A 170 -6.10 29.62 -2.94
C GLU A 170 -4.79 28.84 -2.72
N ILE A 171 -4.39 28.68 -1.46
CA ILE A 171 -3.22 27.87 -1.02
C ILE A 171 -3.70 26.68 -0.20
N LEU A 172 -3.20 25.46 -0.50
CA LEU A 172 -3.53 24.27 0.32
C LEU A 172 -2.43 24.03 1.32
N HIS A 173 -2.75 23.83 2.57
CA HIS A 173 -1.83 23.55 3.67
C HIS A 173 -1.96 22.05 4.07
N PHE A 174 -0.94 21.24 3.85
CA PHE A 174 -0.93 19.80 4.16
C PHE A 174 -0.06 19.63 5.39
N HIS A 175 -0.67 19.36 6.52
CA HIS A 175 0.02 19.28 7.78
C HIS A 175 0.01 17.86 8.36
N TYR A 176 1.17 17.21 8.36
CA TYR A 176 1.34 15.90 8.98
C TYR A 176 1.52 16.16 10.47
N THR A 177 0.52 15.72 11.27
CA THR A 177 0.46 16.10 12.68
C THR A 177 0.93 15.09 13.72
N THR A 178 1.38 13.92 13.24
CA THR A 178 1.67 12.79 14.12
C THR A 178 3.08 12.22 14.01
N TRP A 179 4.06 12.97 13.52
CA TRP A 179 5.44 12.47 13.57
C TRP A 179 5.95 12.50 15.04
N PRO A 180 6.53 11.37 15.57
CA PRO A 180 6.98 11.21 16.98
C PRO A 180 7.92 12.32 17.45
N ASP A 181 7.90 12.65 18.75
CA ASP A 181 8.82 13.64 19.35
C ASP A 181 10.27 13.09 19.20
N PHE A 182 10.45 11.80 19.51
CA PHE A 182 11.71 11.10 19.32
C PHE A 182 11.59 10.04 18.24
N GLY A 183 12.54 10.04 17.33
CA GLY A 183 12.63 9.00 16.32
C GLY A 183 11.75 9.21 15.11
N VAL A 184 11.37 8.12 14.47
CA VAL A 184 10.57 8.13 13.26
C VAL A 184 9.27 7.30 13.45
N PRO A 185 8.29 7.46 12.52
CA PRO A 185 7.07 6.59 12.60
C PRO A 185 7.43 5.09 12.48
N GLU A 186 6.78 4.25 13.28
CA GLU A 186 6.97 2.80 13.19
C GLU A 186 6.62 2.22 11.81
N SER A 187 5.58 2.75 11.19
CA SER A 187 5.07 2.28 9.90
C SER A 187 4.97 3.52 9.02
N PRO A 188 5.26 3.35 7.72
CA PRO A 188 5.14 4.49 6.82
C PRO A 188 3.76 4.58 6.17
N ALA A 189 2.82 3.77 6.60
CA ALA A 189 1.46 3.79 5.96
C ALA A 189 0.78 5.18 5.97
N SER A 190 0.78 5.88 7.10
CA SER A 190 0.10 7.19 7.10
CA SER A 190 0.14 7.21 7.15
C SER A 190 0.87 8.25 6.31
N PHE A 191 2.19 8.16 6.36
CA PHE A 191 3.06 9.05 5.58
C PHE A 191 2.76 8.91 4.10
N LEU A 192 2.56 7.65 3.66
CA LEU A 192 2.24 7.31 2.28
C LEU A 192 0.82 7.84 1.91
N ASN A 193 -0.16 7.72 2.81
CA ASN A 193 -1.51 8.22 2.51
C ASN A 193 -1.48 9.76 2.38
N PHE A 194 -0.66 10.38 3.23
CA PHE A 194 -0.43 11.87 3.19
C PHE A 194 0.24 12.31 1.88
N LEU A 195 1.35 11.62 1.46
CA LEU A 195 1.92 11.91 0.15
C LEU A 195 0.88 11.82 -0.97
N PHE A 196 0.08 10.77 -0.97
CA PHE A 196 -0.94 10.56 -2.04
C PHE A 196 -1.94 11.70 -2.09
N LYS A 197 -2.33 12.19 -0.91
CA LYS A 197 -3.20 13.36 -0.81
C LYS A 197 -2.56 14.62 -1.47
N VAL A 198 -1.28 14.79 -1.24
CA VAL A 198 -0.63 15.99 -1.81
C VAL A 198 -0.57 15.83 -3.33
N ARG A 199 -0.16 14.62 -3.79
CA ARG A 199 -0.11 14.37 -5.21
C ARG A 199 -1.47 14.58 -5.86
N GLU A 200 -2.53 14.10 -5.20
CA GLU A 200 -3.82 14.05 -5.83
C GLU A 200 -4.41 15.47 -5.92
N SER A 201 -3.97 16.38 -5.03
CA SER A 201 -4.42 17.77 -5.08
C SER A 201 -4.00 18.55 -6.32
N GLY A 202 -2.97 18.05 -7.02
CA GLY A 202 -2.36 18.77 -8.16
C GLY A 202 -1.29 19.80 -7.75
N SER A 203 -1.03 19.92 -6.45
CA SER A 203 -0.03 20.86 -5.93
C SER A 203 1.39 20.61 -6.41
N LEU A 204 1.66 19.40 -6.91
CA LEU A 204 3.01 19.01 -7.34
C LEU A 204 3.21 19.10 -8.86
N SER A 205 2.17 19.50 -9.57
CA SER A 205 2.20 19.42 -11.00
C SER A 205 2.95 20.62 -11.61
N PRO A 206 3.48 20.44 -12.83
CA PRO A 206 4.27 21.50 -13.49
C PRO A 206 3.53 22.80 -13.77
N GLU A 207 2.21 22.77 -13.83
CA GLU A 207 1.44 23.98 -14.06
C GLU A 207 1.56 24.96 -12.89
N HIS A 208 2.02 24.51 -11.73
CA HIS A 208 2.22 25.42 -10.57
C HIS A 208 3.67 25.68 -10.29
N GLY A 209 3.95 26.68 -9.46
CA GLY A 209 5.27 26.80 -8.90
C GLY A 209 5.64 25.70 -7.93
N PRO A 210 6.90 25.60 -7.52
CA PRO A 210 7.22 24.46 -6.62
C PRO A 210 6.47 24.43 -5.30
N VAL A 211 6.12 23.22 -4.81
CA VAL A 211 5.58 23.03 -3.45
C VAL A 211 6.65 23.48 -2.45
N VAL A 212 6.23 24.11 -1.38
CA VAL A 212 7.06 24.51 -0.26
C VAL A 212 6.99 23.46 0.82
N VAL A 213 8.09 22.87 1.22
CA VAL A 213 8.15 21.82 2.24
C VAL A 213 9.04 22.25 3.39
N HIS A 214 8.58 22.10 4.63
CA HIS A 214 9.34 22.35 5.80
C HIS A 214 9.07 21.45 6.99
N CYS A 215 10.02 21.48 7.92
CA CYS A 215 9.95 20.92 9.27
C CYS A 215 10.54 22.02 10.19
N SER A 216 11.32 21.74 11.20
CA SER A 216 11.96 22.85 11.97
C SER A 216 13.19 23.43 11.22
N ALA A 217 14.19 22.58 10.94
CA ALA A 217 15.41 23.01 10.14
C ALA A 217 15.22 22.94 8.62
N GLY A 218 14.25 22.17 8.11
CA GLY A 218 14.03 22.02 6.66
C GLY A 218 15.03 21.08 5.93
N ILE A 219 15.60 20.13 6.68
CA ILE A 219 16.56 19.14 6.10
C ILE A 219 16.26 17.68 6.52
N GLY A 220 15.73 17.43 7.73
CA GLY A 220 15.55 16.04 8.18
C GLY A 220 14.27 15.38 7.68
N ARG A 221 13.18 15.67 8.35
CA ARG A 221 11.90 15.12 7.91
C ARG A 221 11.57 15.60 6.52
N SER A 222 11.87 16.89 6.20
CA SER A 222 11.59 17.46 4.89
CA SER A 222 11.47 17.37 4.88
C SER A 222 12.30 16.67 3.79
N GLY A 223 13.56 16.33 4.11
CA GLY A 223 14.35 15.44 3.22
C GLY A 223 13.67 14.11 2.93
N THR A 224 13.07 13.51 3.97
CA THR A 224 12.43 12.20 3.78
CA THR A 224 12.43 12.18 3.76
C THR A 224 11.26 12.33 2.80
N PHE A 225 10.46 13.40 2.93
CA PHE A 225 9.35 13.65 1.98
C PHE A 225 9.74 13.76 0.50
N CYS A 226 10.70 14.61 0.22
CA CYS A 226 11.07 14.83 -1.17
CA CYS A 226 11.09 14.83 -1.18
CA CYS A 226 11.17 14.87 -1.13
C CYS A 226 11.83 13.61 -1.71
N LEU A 227 12.63 12.98 -0.85
CA LEU A 227 13.47 11.78 -1.31
C LEU A 227 12.55 10.61 -1.67
N ALA A 228 11.51 10.40 -0.87
CA ALA A 228 10.58 9.34 -1.13
C ALA A 228 9.72 9.65 -2.38
N ASP A 229 9.19 10.88 -2.50
CA ASP A 229 8.42 11.32 -3.69
C ASP A 229 9.23 11.10 -4.97
N THR A 230 10.49 11.58 -4.96
CA THR A 230 11.30 11.47 -6.16
C THR A 230 11.58 10.01 -6.52
N CYS A 231 12.04 9.22 -5.57
CA CYS A 231 12.40 7.82 -5.91
C CYS A 231 11.14 7.12 -6.43
N LEU A 232 9.97 7.36 -5.82
CA LEU A 232 8.72 6.74 -6.34
C LEU A 232 8.38 7.22 -7.75
N LEU A 233 8.60 8.50 -8.05
CA LEU A 233 8.49 8.99 -9.47
C LEU A 233 9.42 8.21 -10.39
N LEU A 234 10.62 7.91 -9.89
CA LEU A 234 11.62 7.32 -10.74
C LEU A 234 11.33 5.83 -10.94
N MET A 235 10.68 5.19 -9.97
CA MET A 235 10.29 3.77 -10.07
C MET A 235 9.24 3.56 -11.15
N ASP A 236 8.43 4.56 -11.34
CA ASP A 236 7.40 4.57 -12.37
C ASP A 236 7.96 4.88 -13.77
N LYS A 237 8.81 5.88 -13.86
CA LYS A 237 9.36 6.34 -15.14
C LYS A 237 10.22 5.28 -15.81
N ARG A 238 10.93 4.51 -15.00
CA ARG A 238 11.94 3.58 -15.50
C ARG A 238 11.44 2.17 -15.69
N LYS A 239 12.15 1.45 -16.55
CA LYS A 239 11.76 0.09 -16.89
C LYS A 239 12.08 -0.95 -15.81
N ASP A 240 13.24 -0.91 -15.16
CA ASP A 240 13.38 -1.66 -13.89
C ASP A 240 13.48 -0.68 -12.71
N PRO A 241 12.38 -0.59 -11.92
CA PRO A 241 12.38 0.07 -10.60
C PRO A 241 13.53 -0.33 -9.63
N SER A 242 14.18 -1.48 -9.84
CA SER A 242 15.32 -1.90 -9.01
C SER A 242 16.63 -1.24 -9.46
N SER A 243 16.56 -0.54 -10.58
CA SER A 243 17.58 0.43 -11.01
C SER A 243 17.68 1.66 -10.08
N VAL A 244 16.62 1.96 -9.32
CA VAL A 244 16.61 3.19 -8.52
C VAL A 244 17.48 3.04 -7.29
N ASP A 245 18.53 3.86 -7.24
CA ASP A 245 19.49 3.82 -6.14
C ASP A 245 19.20 4.99 -5.21
N ILE A 246 18.61 4.68 -4.07
CA ILE A 246 18.16 5.70 -3.15
C ILE A 246 19.34 6.54 -2.59
N LYS A 247 20.50 5.92 -2.33
CA LYS A 247 21.70 6.64 -1.93
C LYS A 247 22.11 7.67 -3.00
N LYS A 248 22.16 7.25 -4.26
CA LYS A 248 22.52 8.13 -5.37
C LYS A 248 21.57 9.34 -5.50
N VAL A 249 20.28 9.07 -5.37
CA VAL A 249 19.21 10.14 -5.42
C VAL A 249 19.37 11.17 -4.30
N LEU A 250 19.65 10.66 -3.09
CA LEU A 250 19.85 11.50 -1.92
C LEU A 250 21.12 12.38 -2.17
N LEU A 251 22.24 11.80 -2.67
CA LEU A 251 23.46 12.58 -3.01
C LEU A 251 23.20 13.68 -4.05
N GLU A 252 22.34 13.39 -5.04
CA GLU A 252 21.96 14.41 -6.02
C GLU A 252 21.16 15.61 -5.39
N MET A 253 20.20 15.29 -4.52
CA MET A 253 19.43 16.31 -3.82
C MET A 253 20.30 17.14 -2.93
N ARG A 254 21.32 16.51 -2.31
CA ARG A 254 22.28 17.25 -1.46
C ARG A 254 23.19 18.24 -2.22
N LYS A 255 23.12 18.23 -3.55
CA LYS A 255 23.77 19.27 -4.34
C LYS A 255 23.03 20.59 -4.22
N PHE A 256 21.75 20.56 -3.83
CA PHE A 256 20.92 21.77 -3.79
C PHE A 256 20.65 22.26 -2.37
N ARG A 257 20.68 21.41 -1.33
CA ARG A 257 20.58 21.82 0.09
C ARG A 257 21.34 20.81 0.94
N MET A 258 22.15 21.32 1.86
CA MET A 258 23.01 20.53 2.79
C MET A 258 22.21 19.70 3.79
N GLY A 259 22.70 18.52 4.16
CA GLY A 259 22.18 17.96 5.41
C GLY A 259 20.95 17.09 5.28
N LEU A 260 20.44 16.92 4.05
CA LEU A 260 19.15 16.33 3.82
C LEU A 260 19.23 14.88 4.37
N ILE A 261 18.30 14.50 5.27
CA ILE A 261 18.33 13.26 6.12
C ILE A 261 19.38 13.42 7.20
N GLN A 262 18.95 13.52 8.44
CA GLN A 262 19.83 13.91 9.51
C GLN A 262 20.36 12.79 10.41
N THR A 263 19.76 11.61 10.28
CA THR A 263 20.03 10.49 11.17
C THR A 263 19.94 9.19 10.37
N ALA A 264 20.55 8.15 10.94
CA ALA A 264 20.44 6.81 10.39
C ALA A 264 19.01 6.28 10.38
N ASP A 265 18.31 6.62 11.47
CA ASP A 265 16.86 6.29 11.65
C ASP A 265 16.06 6.90 10.50
N GLN A 266 16.30 8.20 10.17
CA GLN A 266 15.62 8.79 9.01
C GLN A 266 15.95 8.16 7.66
N LEU A 267 17.22 7.72 7.45
CA LEU A 267 17.59 7.04 6.23
C LEU A 267 16.85 5.65 6.11
N ARG A 268 16.90 4.86 7.19
CA ARG A 268 16.08 3.60 7.19
C ARG A 268 14.57 3.84 6.91
N PHE A 269 13.98 4.91 7.51
CA PHE A 269 12.57 5.17 7.25
C PHE A 269 12.31 5.51 5.78
N SER A 270 13.24 6.22 5.17
CA SER A 270 13.02 6.62 3.78
C SER A 270 13.01 5.39 2.89
N TYR A 271 14.02 4.52 3.06
CA TYR A 271 13.98 3.19 2.41
C TYR A 271 12.62 2.50 2.63
N LEU A 272 12.25 2.44 3.90
CA LEU A 272 10.99 1.75 4.27
C LEU A 272 9.77 2.31 3.53
N ALA A 273 9.68 3.64 3.50
CA ALA A 273 8.58 4.32 2.83
C ALA A 273 8.57 4.06 1.30
N VAL A 274 9.75 3.98 0.69
CA VAL A 274 9.84 3.72 -0.75
C VAL A 274 9.46 2.24 -1.04
N ILE A 275 9.97 1.31 -0.22
CA ILE A 275 9.59 -0.15 -0.40
C ILE A 275 8.06 -0.37 -0.32
N GLU A 276 7.45 0.27 0.66
CA GLU A 276 5.99 0.11 0.82
C GLU A 276 5.21 0.90 -0.23
N GLY A 277 5.63 2.12 -0.58
CA GLY A 277 4.88 2.91 -1.60
C GLY A 277 4.97 2.40 -3.04
N ALA A 278 6.11 1.74 -3.35
CA ALA A 278 6.30 1.02 -4.63
C ALA A 278 5.20 -0.05 -4.84
N LYS A 279 4.79 -0.71 -3.76
CA LYS A 279 3.71 -1.73 -3.92
C LYS A 279 2.35 -1.15 -4.41
N PHE A 280 2.07 0.15 -4.21
CA PHE A 280 0.84 0.73 -4.78
C PHE A 280 1.01 1.20 -6.23
N ILE A 281 2.24 1.37 -6.69
CA ILE A 281 2.47 1.71 -8.10
C ILE A 281 3.29 0.63 -8.79
N HIS A 296 -1.11 -1.02 26.89
CA HIS A 296 -1.02 -0.33 28.18
C HIS A 296 0.42 -0.35 28.74
N GLU A 297 1.41 -0.21 27.86
CA GLU A 297 2.82 0.08 28.25
C GLU A 297 3.05 1.45 28.91
N ASP A 298 2.08 2.35 28.73
CA ASP A 298 2.26 3.75 29.12
C ASP A 298 1.92 3.91 30.59
N MET B 1 -14.70 -20.65 -30.81
CA MET B 1 -13.74 -20.37 -29.70
C MET B 1 -12.67 -21.44 -29.78
N GLU B 2 -11.41 -21.03 -29.80
CA GLU B 2 -10.35 -22.01 -29.98
C GLU B 2 -10.32 -22.97 -28.77
N MET B 3 -10.50 -22.43 -27.58
CA MET B 3 -10.44 -23.32 -26.42
CA MET B 3 -10.52 -23.24 -26.35
C MET B 3 -11.59 -24.35 -26.41
N GLU B 4 -12.71 -24.06 -27.06
CA GLU B 4 -13.79 -25.06 -27.17
C GLU B 4 -13.41 -26.23 -28.10
N LYS B 5 -12.66 -25.89 -29.16
CA LYS B 5 -12.14 -26.94 -30.07
C LYS B 5 -11.11 -27.84 -29.37
N GLU B 6 -10.29 -27.25 -28.51
CA GLU B 6 -9.34 -28.01 -27.69
C GLU B 6 -10.09 -28.94 -26.72
N PHE B 7 -11.09 -28.43 -26.02
CA PHE B 7 -11.91 -29.22 -25.08
C PHE B 7 -12.51 -30.44 -25.78
N GLU B 8 -13.03 -30.23 -26.98
CA GLU B 8 -13.67 -31.29 -27.76
C GLU B 8 -12.65 -32.41 -28.08
N GLN B 9 -11.45 -32.00 -28.51
CA GLN B 9 -10.34 -32.89 -28.87
C GLN B 9 -9.94 -33.76 -27.65
N ILE B 10 -9.84 -33.15 -26.47
CA ILE B 10 -9.41 -33.81 -25.26
C ILE B 10 -10.51 -34.82 -24.89
N ASP B 11 -11.75 -34.35 -24.90
CA ASP B 11 -12.89 -35.20 -24.59
C ASP B 11 -12.99 -36.41 -25.55
N LYS B 12 -12.93 -36.17 -26.85
CA LYS B 12 -13.04 -37.24 -27.84
C LYS B 12 -11.93 -38.31 -27.68
N SER B 13 -10.74 -37.87 -27.34
CA SER B 13 -9.61 -38.80 -27.18
C SER B 13 -9.47 -39.39 -25.77
N GLY B 14 -10.25 -38.93 -24.81
CA GLY B 14 -10.17 -39.43 -23.44
C GLY B 14 -8.85 -39.16 -22.77
N SER B 15 -8.34 -37.92 -22.97
CA SER B 15 -7.01 -37.60 -22.46
CA SER B 15 -7.03 -37.48 -22.53
C SER B 15 -6.95 -36.73 -21.21
N TRP B 16 -8.09 -36.47 -20.55
CA TRP B 16 -8.04 -35.70 -19.29
C TRP B 16 -7.03 -36.19 -18.23
N ALA B 17 -7.00 -37.52 -17.99
CA ALA B 17 -6.13 -38.06 -16.97
C ALA B 17 -4.67 -37.83 -17.36
N ALA B 18 -4.32 -38.11 -18.61
CA ALA B 18 -2.89 -37.93 -19.06
C ALA B 18 -2.44 -36.45 -18.99
N ILE B 19 -3.31 -35.54 -19.41
CA ILE B 19 -3.01 -34.09 -19.30
C ILE B 19 -2.83 -33.66 -17.88
N TYR B 20 -3.73 -34.07 -17.03
CA TYR B 20 -3.62 -33.78 -15.60
C TYR B 20 -2.28 -34.26 -15.00
N GLN B 21 -1.92 -35.51 -15.32
CA GLN B 21 -0.63 -36.06 -14.90
C GLN B 21 0.57 -35.25 -15.40
N ASP B 22 0.50 -34.72 -16.62
CA ASP B 22 1.59 -33.88 -17.17
C ASP B 22 1.74 -32.61 -16.36
N ILE B 23 0.61 -32.00 -15.97
CA ILE B 23 0.67 -30.87 -15.07
C ILE B 23 1.36 -31.20 -13.77
N ARG B 24 0.99 -32.31 -13.15
CA ARG B 24 1.63 -32.73 -11.91
C ARG B 24 3.14 -32.88 -12.08
N HIS B 25 3.57 -33.50 -13.19
CA HIS B 25 5.01 -33.66 -13.44
CA HIS B 25 5.02 -33.66 -13.45
C HIS B 25 5.77 -32.34 -13.66
N GLU B 26 5.10 -31.36 -14.29
CA GLU B 26 5.75 -30.08 -14.67
C GLU B 26 5.73 -29.07 -13.56
N ALA B 27 4.87 -29.31 -12.57
CA ALA B 27 4.72 -28.34 -11.47
C ALA B 27 6.03 -28.01 -10.70
N SER B 28 6.06 -26.76 -10.25
CA SER B 28 7.08 -26.15 -9.39
C SER B 28 7.24 -26.84 -8.03
N ASP B 29 8.43 -26.83 -7.47
CA ASP B 29 8.63 -27.20 -6.06
C ASP B 29 9.58 -26.25 -5.39
N PHE B 30 9.14 -25.66 -4.29
CA PHE B 30 9.92 -24.72 -3.47
C PHE B 30 9.90 -25.20 -2.03
N PRO B 31 10.81 -24.72 -1.19
CA PRO B 31 10.74 -25.09 0.26
C PRO B 31 9.54 -24.55 1.06
N CYS B 32 9.18 -25.35 2.05
CA CYS B 32 8.14 -24.97 3.07
CA CYS B 32 8.15 -24.95 3.05
C CYS B 32 8.66 -25.14 4.48
N ARG B 33 9.88 -24.62 4.77
CA ARG B 33 10.50 -24.82 6.06
C ARG B 33 9.69 -24.30 7.25
N VAL B 34 9.08 -23.08 7.15
CA VAL B 34 8.36 -22.54 8.29
C VAL B 34 7.13 -23.44 8.65
N ALA B 35 6.39 -23.89 7.63
CA ALA B 35 5.22 -24.82 7.80
C ALA B 35 5.59 -26.05 8.58
N LYS B 36 6.82 -26.52 8.36
CA LYS B 36 7.31 -27.79 8.95
CA LYS B 36 7.29 -27.79 8.96
C LYS B 36 7.97 -27.67 10.35
N LEU B 37 8.10 -26.45 10.90
CA LEU B 37 8.68 -26.29 12.24
C LEU B 37 7.81 -27.01 13.25
N PRO B 38 8.41 -27.70 14.24
CA PRO B 38 7.60 -28.40 15.28
C PRO B 38 6.45 -27.61 15.92
N LYS B 39 6.68 -26.31 16.19
CA LYS B 39 5.67 -25.44 16.85
C LYS B 39 4.46 -25.16 15.98
N ASN B 40 4.53 -25.46 14.68
CA ASN B 40 3.43 -25.20 13.74
C ASN B 40 2.67 -26.47 13.36
N LYS B 41 3.03 -27.59 14.04
CA LYS B 41 2.38 -28.88 13.70
C LYS B 41 0.85 -28.80 13.85
N ASN B 42 0.41 -28.26 14.98
CA ASN B 42 -1.03 -28.12 15.21
C ASN B 42 -1.74 -27.01 14.40
N ARG B 43 -1.00 -26.23 13.57
CA ARG B 43 -1.60 -25.21 12.71
C ARG B 43 -1.89 -25.67 11.26
N ASN B 44 -1.55 -26.95 10.96
CA ASN B 44 -1.74 -27.49 9.59
C ASN B 44 -2.79 -28.60 9.64
N ARG B 45 -3.79 -28.50 8.77
CA ARG B 45 -4.87 -29.53 8.71
C ARG B 45 -4.44 -30.86 8.04
N TYR B 46 -3.59 -30.73 6.99
CA TYR B 46 -3.06 -31.86 6.19
C TYR B 46 -1.52 -31.77 6.12
N ARG B 47 -0.83 -32.84 6.55
CA ARG B 47 0.65 -32.92 6.47
C ARG B 47 1.20 -32.68 5.04
N ASP B 48 0.46 -33.12 4.01
CA ASP B 48 0.89 -32.94 2.62
C ASP B 48 0.46 -31.69 1.82
N VAL B 49 -0.22 -30.75 2.50
CA VAL B 49 -0.54 -29.43 1.94
C VAL B 49 0.02 -28.26 2.79
N SER B 50 1.07 -27.60 2.26
CA SER B 50 1.78 -26.59 2.98
C SER B 50 1.98 -25.40 2.05
N PRO B 51 2.03 -24.18 2.65
CA PRO B 51 2.43 -23.00 1.86
C PRO B 51 3.97 -22.97 1.65
N PHE B 52 4.36 -22.56 0.44
CA PHE B 52 5.77 -22.21 0.16
C PHE B 52 6.23 -21.06 1.06
N ASP B 53 7.47 -21.05 1.53
CA ASP B 53 8.01 -19.94 2.33
C ASP B 53 7.94 -18.63 1.53
N HIS B 54 8.17 -18.68 0.22
CA HIS B 54 8.25 -17.41 -0.57
C HIS B 54 6.94 -16.66 -0.66
N SER B 55 5.79 -17.38 -0.62
CA SER B 55 4.48 -16.78 -0.84
C SER B 55 3.51 -16.87 0.38
N ARG B 56 3.97 -17.36 1.52
CA ARG B 56 3.03 -17.56 2.63
C ARG B 56 2.62 -16.19 3.18
N ILE B 57 1.38 -16.13 3.68
CA ILE B 57 0.94 -14.94 4.41
C ILE B 57 1.46 -14.96 5.85
N LYS B 58 2.08 -13.86 6.26
CA LYS B 58 2.58 -13.73 7.57
C LYS B 58 1.54 -12.94 8.46
N LEU B 59 1.27 -13.48 9.65
CA LEU B 59 0.48 -12.71 10.66
C LEU B 59 1.35 -11.57 11.23
N HIS B 60 0.72 -10.43 11.57
CA HIS B 60 1.45 -9.25 12.05
C HIS B 60 1.72 -9.34 13.52
N GLN B 61 1.13 -10.31 14.17
CA GLN B 61 1.52 -10.62 15.54
C GLN B 61 3.00 -10.96 15.70
N GLU B 62 3.53 -10.64 16.86
CA GLU B 62 4.93 -10.82 17.17
C GLU B 62 5.20 -12.23 17.69
N ASP B 63 4.18 -12.87 18.25
CA ASP B 63 4.37 -14.21 18.85
C ASP B 63 4.81 -15.35 17.92
N ASN B 64 3.92 -15.75 17.05
CA ASN B 64 4.16 -16.79 16.03
C ASN B 64 3.42 -16.32 14.80
N ASP B 65 4.13 -16.01 13.70
CA ASP B 65 3.50 -15.42 12.52
C ASP B 65 2.87 -16.40 11.51
N TYR B 66 2.76 -17.69 11.89
CA TYR B 66 2.41 -18.71 10.93
C TYR B 66 0.89 -19.00 10.79
N ILE B 67 0.44 -19.01 9.54
CA ILE B 67 -0.83 -19.54 9.11
C ILE B 67 -0.66 -20.31 7.78
N ASN B 68 -1.45 -21.38 7.59
CA ASN B 68 -1.41 -22.10 6.32
C ASN B 68 -2.25 -21.39 5.25
N ALA B 69 -1.66 -20.40 4.59
CA ALA B 69 -2.26 -19.57 3.61
C ALA B 69 -1.16 -19.06 2.70
N SER B 70 -1.53 -18.80 1.47
CA SER B 70 -0.61 -18.41 0.38
C SER B 70 -1.16 -17.25 -0.45
N LEU B 71 -0.30 -16.27 -0.80
CA LEU B 71 -0.67 -15.22 -1.73
C LEU B 71 -0.42 -15.64 -3.19
N ILE B 72 -1.45 -15.71 -4.00
CA ILE B 72 -1.40 -15.99 -5.45
CA ILE B 72 -1.36 -15.95 -5.44
C ILE B 72 -1.53 -14.61 -6.14
N LYS B 73 -0.41 -14.08 -6.69
CA LYS B 73 -0.42 -12.80 -7.37
C LYS B 73 -0.28 -13.01 -8.89
N MET B 74 -1.31 -12.73 -9.65
CA MET B 74 -1.35 -12.94 -11.11
C MET B 74 -1.08 -11.61 -11.78
N GLU B 75 0.13 -11.46 -12.30
CA GLU B 75 0.67 -10.19 -12.78
C GLU B 75 -0.10 -9.65 -13.95
N GLU B 76 -0.22 -10.47 -14.99
CA GLU B 76 -0.91 -10.01 -16.21
C GLU B 76 -2.41 -9.77 -16.00
N ALA B 77 -3.07 -10.64 -15.25
CA ALA B 77 -4.49 -10.47 -14.97
C ALA B 77 -4.80 -9.34 -13.97
N GLN B 78 -3.79 -8.94 -13.21
CA GLN B 78 -3.88 -7.88 -12.20
CA GLN B 78 -3.87 -7.90 -12.20
C GLN B 78 -4.87 -8.20 -11.10
N ARG B 79 -4.83 -9.46 -10.67
CA ARG B 79 -5.62 -9.95 -9.56
C ARG B 79 -4.76 -10.75 -8.58
N SER B 80 -5.05 -10.56 -7.28
CA SER B 80 -4.49 -11.33 -6.20
C SER B 80 -5.57 -12.14 -5.45
N TYR B 81 -5.16 -13.28 -4.90
CA TYR B 81 -6.04 -14.10 -4.07
C TYR B 81 -5.24 -14.65 -2.94
N ILE B 82 -5.87 -14.87 -1.81
CA ILE B 82 -5.30 -15.61 -0.73
C ILE B 82 -6.00 -16.96 -0.71
N LEU B 83 -5.26 -18.09 -0.85
CA LEU B 83 -5.81 -19.44 -0.67
C LEU B 83 -5.33 -20.04 0.64
N THR B 84 -6.29 -20.60 1.42
CA THR B 84 -6.03 -21.08 2.74
C THR B 84 -6.86 -22.38 2.98
N GLN B 85 -6.38 -23.11 3.94
CA GLN B 85 -7.10 -24.34 4.39
C GLN B 85 -8.39 -23.92 5.17
N GLY B 86 -9.36 -24.81 5.26
CA GLY B 86 -10.44 -24.60 6.24
C GLY B 86 -9.88 -24.48 7.67
N PRO B 87 -10.21 -23.38 8.40
CA PRO B 87 -9.66 -23.25 9.74
C PRO B 87 -9.93 -24.42 10.70
N LEU B 88 -8.97 -24.62 11.57
CA LEU B 88 -9.03 -25.61 12.64
C LEU B 88 -9.63 -24.93 13.89
N PRO B 89 -10.11 -25.72 14.84
CA PRO B 89 -10.61 -25.10 16.09
C PRO B 89 -9.67 -24.11 16.78
N ASN B 90 -8.35 -24.33 16.64
CA ASN B 90 -7.36 -23.51 17.30
C ASN B 90 -6.80 -22.42 16.37
N THR B 91 -7.25 -22.36 15.10
CA THR B 91 -6.76 -21.35 14.13
C THR B 91 -7.84 -20.38 13.61
N CYS B 92 -9.03 -20.38 14.26
CA CYS B 92 -10.11 -19.44 13.86
C CYS B 92 -9.76 -17.97 14.15
N GLY B 93 -9.17 -17.74 15.32
CA GLY B 93 -8.62 -16.45 15.67
C GLY B 93 -7.59 -15.98 14.65
N HIS B 94 -6.65 -16.84 14.28
CA HIS B 94 -5.60 -16.50 13.28
C HIS B 94 -6.21 -16.15 11.95
N PHE B 95 -7.18 -16.96 11.52
CA PHE B 95 -7.92 -16.72 10.26
C PHE B 95 -8.53 -15.28 10.18
N TRP B 96 -9.29 -14.90 11.20
CA TRP B 96 -9.84 -13.57 11.21
C TRP B 96 -8.79 -12.45 11.39
N GLU B 97 -7.69 -12.71 12.12
CA GLU B 97 -6.56 -11.76 12.23
C GLU B 97 -6.06 -11.51 10.83
N MET B 98 -5.86 -12.57 10.04
CA MET B 98 -5.44 -12.39 8.65
C MET B 98 -6.35 -11.59 7.79
N VAL B 99 -7.67 -11.89 7.88
CA VAL B 99 -8.65 -11.13 7.15
C VAL B 99 -8.53 -9.61 7.52
N TRP B 100 -8.39 -9.33 8.79
CA TRP B 100 -8.30 -7.93 9.28
C TRP B 100 -7.01 -7.24 8.74
N GLU B 101 -5.88 -7.87 8.95
CA GLU B 101 -4.56 -7.30 8.59
C GLU B 101 -4.39 -7.09 7.08
N GLN B 102 -4.94 -8.05 6.30
CA GLN B 102 -4.93 -8.00 4.84
C GLN B 102 -5.95 -7.11 4.19
N LYS B 103 -6.87 -6.58 5.04
CA LYS B 103 -7.94 -5.66 4.60
C LYS B 103 -8.89 -6.31 3.57
N SER B 104 -9.10 -7.60 3.71
CA SER B 104 -10.02 -8.30 2.80
C SER B 104 -11.49 -7.85 3.06
N ARG B 105 -12.25 -7.79 1.99
CA ARG B 105 -13.68 -7.53 2.06
C ARG B 105 -14.52 -8.83 1.98
N GLY B 106 -14.05 -9.80 1.18
CA GLY B 106 -14.75 -11.06 0.93
C GLY B 106 -14.05 -12.32 1.44
N VAL B 107 -14.85 -13.30 1.85
CA VAL B 107 -14.44 -14.66 2.13
C VAL B 107 -15.28 -15.59 1.32
N VAL B 108 -14.62 -16.50 0.61
CA VAL B 108 -15.26 -17.48 -0.28
C VAL B 108 -15.01 -18.88 0.27
N MET B 109 -16.13 -19.60 0.55
CA MET B 109 -16.10 -20.95 1.11
C MET B 109 -16.81 -21.92 0.15
N LEU B 110 -16.08 -22.99 -0.27
CA LEU B 110 -16.57 -23.89 -1.31
C LEU B 110 -16.94 -25.31 -0.78
N ASN B 111 -16.96 -25.49 0.53
CA ASN B 111 -17.24 -26.80 1.15
C ASN B 111 -18.32 -26.64 2.26
N ARG B 112 -18.81 -27.75 2.78
CA ARG B 112 -19.59 -27.79 4.00
C ARG B 112 -18.72 -28.18 5.18
N VAL B 113 -19.14 -27.83 6.39
CA VAL B 113 -18.30 -28.12 7.57
CA VAL B 113 -18.37 -28.11 7.62
C VAL B 113 -18.17 -29.62 7.82
N MET B 114 -19.21 -30.38 7.45
CA MET B 114 -19.16 -31.86 7.45
C MET B 114 -19.58 -32.34 6.06
N GLU B 115 -18.78 -33.22 5.45
CA GLU B 115 -19.16 -33.88 4.19
C GLU B 115 -18.91 -35.38 4.36
N LYS B 116 -19.99 -36.16 4.17
CA LYS B 116 -20.04 -37.60 4.45
C LYS B 116 -19.44 -37.92 5.82
N GLY B 117 -20.06 -37.41 6.88
CA GLY B 117 -19.62 -37.70 8.25
C GLY B 117 -18.11 -37.60 8.48
N SER B 118 -17.50 -36.57 7.93
CA SER B 118 -16.13 -36.23 8.26
C SER B 118 -16.03 -34.69 8.34
N LEU B 119 -15.40 -34.19 9.40
CA LEU B 119 -15.13 -32.74 9.53
C LEU B 119 -14.11 -32.24 8.53
N LYS B 120 -14.51 -31.22 7.77
CA LYS B 120 -13.66 -30.58 6.77
C LYS B 120 -13.23 -29.18 7.13
N CYS B 121 -13.92 -28.55 8.10
CA CYS B 121 -13.73 -27.14 8.47
C CYS B 121 -14.39 -26.87 9.85
N ALA B 122 -13.77 -26.03 10.71
CA ALA B 122 -14.37 -25.58 11.97
C ALA B 122 -15.51 -24.62 11.65
N GLN B 123 -16.48 -24.56 12.56
CA GLN B 123 -17.53 -23.56 12.48
C GLN B 123 -16.98 -22.18 12.94
N TYR B 124 -16.40 -21.49 11.96
CA TYR B 124 -15.60 -20.30 12.26
C TYR B 124 -16.39 -19.00 12.19
N TRP B 125 -17.70 -19.07 11.88
CA TRP B 125 -18.56 -17.88 11.93
C TRP B 125 -19.90 -18.24 12.66
N PRO B 126 -20.60 -17.22 13.15
CA PRO B 126 -21.78 -17.50 13.95
C PRO B 126 -22.99 -17.92 13.11
N GLN B 127 -23.72 -18.92 13.61
CA GLN B 127 -24.97 -19.32 12.93
C GLN B 127 -26.23 -18.56 13.33
N LYS B 128 -26.16 -17.93 14.48
CA LYS B 128 -27.28 -17.08 14.98
C LYS B 128 -26.86 -15.64 15.25
N GLU B 129 -27.68 -14.68 14.78
CA GLU B 129 -27.54 -13.25 15.07
C GLU B 129 -27.22 -12.97 16.54
N GLU B 130 -28.01 -13.59 17.44
CA GLU B 130 -27.91 -13.38 18.90
C GLU B 130 -26.75 -14.07 19.61
N LYS B 131 -25.95 -14.88 18.88
CA LYS B 131 -24.84 -15.63 19.52
C LYS B 131 -23.56 -15.36 18.77
N GLU B 132 -22.99 -14.20 19.08
CA GLU B 132 -21.71 -13.75 18.46
C GLU B 132 -20.53 -14.56 18.98
N MET B 133 -19.42 -14.47 18.25
CA MET B 133 -18.17 -15.16 18.61
C MET B 133 -17.09 -14.17 19.04
N ILE B 134 -16.38 -14.50 20.10
CA ILE B 134 -15.16 -13.75 20.53
C ILE B 134 -13.93 -14.67 20.40
N PHE B 135 -12.88 -14.17 19.69
CA PHE B 135 -11.57 -14.84 19.62
C PHE B 135 -10.59 -14.12 20.56
N GLU B 136 -10.44 -14.72 21.75
CA GLU B 136 -9.70 -14.09 22.84
CA GLU B 136 -9.66 -14.15 22.88
C GLU B 136 -8.21 -13.95 22.49
N ASP B 137 -7.65 -14.92 21.77
CA ASP B 137 -6.21 -14.89 21.43
C ASP B 137 -5.78 -13.73 20.52
N THR B 138 -6.61 -13.43 19.52
CA THR B 138 -6.38 -12.30 18.60
C THR B 138 -7.26 -11.05 18.87
N ASN B 139 -8.07 -11.10 19.93
CA ASN B 139 -8.90 -9.97 20.37
C ASN B 139 -9.85 -9.40 19.30
N LEU B 140 -10.64 -10.30 18.73
CA LEU B 140 -11.58 -9.95 17.64
C LEU B 140 -12.95 -10.48 18.01
N LYS B 141 -13.97 -9.75 17.57
CA LYS B 141 -15.39 -10.15 17.78
C LYS B 141 -16.08 -10.26 16.44
N LEU B 142 -16.97 -11.26 16.30
CA LEU B 142 -17.62 -11.49 15.02
C LEU B 142 -19.11 -11.77 15.24
N THR B 143 -19.94 -11.03 14.47
CA THR B 143 -21.41 -11.01 14.62
C THR B 143 -22.06 -11.23 13.23
N LEU B 144 -23.00 -12.16 13.20
CA LEU B 144 -23.84 -12.37 12.03
C LEU B 144 -24.88 -11.26 11.97
N ILE B 145 -24.92 -10.50 10.88
CA ILE B 145 -25.87 -9.40 10.74
C ILE B 145 -27.10 -9.78 9.89
N SER B 146 -26.89 -10.42 8.74
CA SER B 146 -27.94 -10.93 7.88
C SER B 146 -27.47 -12.11 7.04
N GLU B 147 -28.40 -12.88 6.48
CA GLU B 147 -28.10 -14.09 5.66
C GLU B 147 -29.11 -14.13 4.54
N ASP B 148 -28.67 -14.31 3.31
CA ASP B 148 -29.54 -14.57 2.18
C ASP B 148 -29.31 -15.95 1.60
N ILE B 149 -30.19 -16.91 1.94
CA ILE B 149 -30.08 -18.32 1.53
C ILE B 149 -30.76 -18.50 0.17
N LYS B 150 -29.99 -18.84 -0.86
CA LYS B 150 -30.45 -19.07 -2.24
C LYS B 150 -30.40 -20.60 -2.57
N SER B 151 -30.86 -20.92 -3.76
CA SER B 151 -30.95 -22.32 -4.23
C SER B 151 -29.61 -23.06 -4.20
N TYR B 152 -28.53 -22.37 -4.60
CA TYR B 152 -27.18 -23.07 -4.73
C TYR B 152 -26.05 -22.52 -3.87
N TYR B 153 -26.29 -21.35 -3.26
CA TYR B 153 -25.35 -20.72 -2.39
C TYR B 153 -26.03 -19.70 -1.42
N THR B 154 -25.27 -19.30 -0.43
CA THR B 154 -25.68 -18.36 0.65
C THR B 154 -24.69 -17.19 0.75
N VAL B 155 -25.23 -15.96 0.87
CA VAL B 155 -24.37 -14.79 1.10
C VAL B 155 -24.70 -14.23 2.49
N ARG B 156 -23.72 -14.01 3.32
CA ARG B 156 -23.88 -13.42 4.65
C ARG B 156 -23.19 -12.08 4.81
N GLN B 157 -23.78 -11.20 5.59
CA GLN B 157 -23.12 -9.99 6.08
CA GLN B 157 -23.13 -9.97 6.08
C GLN B 157 -22.68 -10.21 7.54
N LEU B 158 -21.41 -10.00 7.79
CA LEU B 158 -20.79 -10.19 9.09
C LEU B 158 -20.19 -8.83 9.49
N GLU B 159 -20.11 -8.61 10.79
CA GLU B 159 -19.38 -7.48 11.39
C GLU B 159 -18.24 -8.00 12.22
N LEU B 160 -17.04 -7.57 11.78
CA LEU B 160 -15.78 -7.91 12.42
C LEU B 160 -15.27 -6.70 13.17
N GLU B 161 -15.06 -6.85 14.46
CA GLU B 161 -14.56 -5.75 15.29
C GLU B 161 -13.21 -6.05 15.94
N ASN B 162 -12.26 -5.14 15.79
CA ASN B 162 -10.97 -5.18 16.48
C ASN B 162 -11.17 -4.62 17.86
N LEU B 163 -11.26 -5.51 18.85
CA LEU B 163 -11.59 -5.07 20.22
C LEU B 163 -10.52 -4.14 20.88
N THR B 164 -9.31 -4.18 20.34
CA THR B 164 -8.18 -3.37 20.84
C THR B 164 -8.44 -1.92 20.49
N THR B 165 -8.84 -1.67 19.25
CA THR B 165 -9.03 -0.31 18.74
C THR B 165 -10.48 0.15 18.69
N GLN B 166 -11.39 -0.81 18.85
CA GLN B 166 -12.84 -0.62 18.67
C GLN B 166 -13.30 -0.33 17.21
N GLU B 167 -12.43 -0.52 16.22
CA GLU B 167 -12.79 -0.29 14.84
CA GLU B 167 -12.80 -0.30 14.81
C GLU B 167 -13.63 -1.48 14.35
N THR B 168 -14.60 -1.23 13.46
CA THR B 168 -15.44 -2.28 12.92
C THR B 168 -15.39 -2.24 11.39
N ARG B 169 -15.53 -3.43 10.79
CA ARG B 169 -15.61 -3.59 9.35
C ARG B 169 -16.66 -4.61 8.98
N GLU B 170 -17.22 -4.36 7.82
CA GLU B 170 -18.14 -5.27 7.15
C GLU B 170 -17.39 -6.32 6.32
N ILE B 171 -17.70 -7.60 6.56
CA ILE B 171 -17.16 -8.74 5.76
C ILE B 171 -18.32 -9.48 5.10
N LEU B 172 -18.23 -9.72 3.81
CA LEU B 172 -19.13 -10.55 3.08
C LEU B 172 -18.64 -11.99 2.98
N HIS B 173 -19.45 -12.95 3.38
CA HIS B 173 -19.20 -14.38 3.33
C HIS B 173 -20.02 -15.01 2.23
N PHE B 174 -19.32 -15.56 1.21
CA PHE B 174 -19.89 -16.18 0.04
C PHE B 174 -19.69 -17.69 0.18
N HIS B 175 -20.80 -18.41 0.43
CA HIS B 175 -20.77 -19.84 0.71
C HIS B 175 -21.49 -20.65 -0.37
N TYR B 176 -20.70 -21.43 -1.16
CA TYR B 176 -21.21 -22.27 -2.25
C TYR B 176 -21.57 -23.59 -1.50
N THR B 177 -22.90 -23.85 -1.37
CA THR B 177 -23.39 -24.85 -0.41
C THR B 177 -23.74 -26.21 -1.03
N THR B 178 -23.62 -26.32 -2.36
CA THR B 178 -24.18 -27.45 -3.11
C THR B 178 -23.13 -28.26 -3.97
N TRP B 179 -21.85 -28.12 -3.62
CA TRP B 179 -20.84 -28.89 -4.36
C TRP B 179 -21.09 -30.37 -3.98
N PRO B 180 -21.15 -31.27 -5.00
CA PRO B 180 -21.49 -32.69 -4.64
C PRO B 180 -20.50 -33.35 -3.69
N ASP B 181 -21.01 -34.26 -2.89
CA ASP B 181 -20.16 -35.01 -1.97
C ASP B 181 -19.10 -35.83 -2.74
N PHE B 182 -19.47 -36.30 -3.96
CA PHE B 182 -18.51 -37.02 -4.85
C PHE B 182 -18.44 -36.34 -6.24
N GLY B 183 -17.22 -36.07 -6.73
CA GLY B 183 -17.10 -35.54 -8.04
C GLY B 183 -17.36 -34.02 -8.09
N VAL B 184 -17.57 -33.56 -9.30
CA VAL B 184 -17.76 -32.14 -9.61
C VAL B 184 -19.22 -31.90 -10.02
N PRO B 185 -19.69 -30.65 -9.96
CA PRO B 185 -20.98 -30.36 -10.51
C PRO B 185 -21.17 -30.73 -11.96
N GLU B 186 -22.37 -31.16 -12.33
CA GLU B 186 -22.64 -31.58 -13.70
C GLU B 186 -22.54 -30.42 -14.72
N SER B 187 -23.06 -29.26 -14.29
CA SER B 187 -23.04 -28.01 -15.11
C SER B 187 -22.33 -26.91 -14.31
N PRO B 188 -21.58 -26.01 -15.02
CA PRO B 188 -20.93 -24.90 -14.31
C PRO B 188 -21.84 -23.67 -14.09
N ALA B 189 -23.12 -23.74 -14.47
CA ALA B 189 -24.03 -22.58 -14.44
C ALA B 189 -24.06 -21.93 -13.02
N SER B 190 -24.27 -22.71 -11.97
CA SER B 190 -24.41 -22.13 -10.64
CA SER B 190 -24.42 -22.14 -10.62
C SER B 190 -23.09 -21.57 -10.11
N PHE B 191 -21.99 -22.29 -10.40
CA PHE B 191 -20.66 -21.86 -10.01
C PHE B 191 -20.33 -20.49 -10.64
N LEU B 192 -20.67 -20.34 -11.89
CA LEU B 192 -20.48 -19.06 -12.60
C LEU B 192 -21.34 -17.96 -11.99
N ASN B 193 -22.61 -18.25 -11.70
CA ASN B 193 -23.44 -17.19 -11.07
C ASN B 193 -22.84 -16.75 -9.72
N PHE B 194 -22.33 -17.73 -8.97
CA PHE B 194 -21.64 -17.51 -7.70
C PHE B 194 -20.42 -16.58 -7.92
N LEU B 195 -19.52 -16.94 -8.87
CA LEU B 195 -18.35 -16.10 -9.19
C LEU B 195 -18.76 -14.64 -9.50
N PHE B 196 -19.75 -14.49 -10.40
CA PHE B 196 -20.22 -13.18 -10.79
C PHE B 196 -20.81 -12.40 -9.62
N LYS B 197 -21.37 -13.07 -8.62
CA LYS B 197 -21.90 -12.38 -7.41
C LYS B 197 -20.75 -11.84 -6.53
N VAL B 198 -19.65 -12.59 -6.46
CA VAL B 198 -18.45 -12.16 -5.72
C VAL B 198 -17.89 -10.92 -6.42
N ARG B 199 -17.72 -11.03 -7.74
CA ARG B 199 -17.24 -9.88 -8.52
C ARG B 199 -18.09 -8.61 -8.32
N GLU B 200 -19.41 -8.73 -8.28
CA GLU B 200 -20.36 -7.58 -8.10
CA GLU B 200 -20.22 -7.50 -8.18
C GLU B 200 -20.15 -6.80 -6.81
N SER B 201 -19.88 -7.51 -5.76
CA SER B 201 -19.72 -6.96 -4.41
C SER B 201 -18.49 -6.07 -4.22
N GLY B 202 -17.59 -6.05 -5.22
CA GLY B 202 -16.30 -5.33 -5.09
C GLY B 202 -15.23 -6.10 -4.32
N SER B 203 -15.52 -7.33 -3.84
CA SER B 203 -14.59 -8.10 -3.02
C SER B 203 -13.29 -8.49 -3.77
N LEU B 204 -13.32 -8.49 -5.10
CA LEU B 204 -12.16 -8.84 -5.94
C LEU B 204 -11.40 -7.58 -6.50
N SER B 205 -11.88 -6.41 -6.12
CA SER B 205 -11.33 -5.15 -6.63
CA SER B 205 -11.33 -5.15 -6.62
C SER B 205 -10.01 -4.76 -5.96
N PRO B 206 -9.16 -4.05 -6.69
CA PRO B 206 -7.87 -3.67 -6.11
C PRO B 206 -7.91 -2.65 -4.95
N GLU B 207 -9.03 -1.99 -4.70
CA GLU B 207 -9.08 -1.06 -3.57
C GLU B 207 -9.27 -1.79 -2.25
N HIS B 208 -9.50 -3.12 -2.30
CA HIS B 208 -9.55 -3.93 -1.06
C HIS B 208 -8.38 -4.93 -1.08
N GLY B 209 -8.06 -5.48 0.06
CA GLY B 209 -7.16 -6.62 0.12
C GLY B 209 -7.65 -7.83 -0.66
N PRO B 210 -6.73 -8.75 -0.90
CA PRO B 210 -7.11 -9.94 -1.61
C PRO B 210 -8.30 -10.72 -0.94
N VAL B 211 -9.18 -11.23 -1.77
CA VAL B 211 -10.26 -12.20 -1.31
C VAL B 211 -9.63 -13.42 -0.69
N VAL B 212 -10.21 -13.96 0.36
CA VAL B 212 -9.75 -15.14 1.02
C VAL B 212 -10.61 -16.31 0.52
N VAL B 213 -10.02 -17.34 -0.04
CA VAL B 213 -10.73 -18.44 -0.66
C VAL B 213 -10.26 -19.72 0.06
N HIS B 214 -11.25 -20.57 0.42
CA HIS B 214 -10.94 -21.86 0.99
C HIS B 214 -11.97 -22.93 0.63
N CYS B 215 -11.50 -24.16 0.80
CA CYS B 215 -12.31 -25.41 0.82
C CYS B 215 -11.82 -26.18 2.03
N SER B 216 -11.54 -27.49 1.96
CA SER B 216 -10.92 -28.11 3.14
C SER B 216 -9.38 -27.91 3.16
N ALA B 217 -8.72 -28.25 2.06
CA ALA B 217 -7.23 -28.08 2.01
C ALA B 217 -6.81 -26.74 1.36
N GLY B 218 -7.74 -26.12 0.63
CA GLY B 218 -7.50 -24.82 -0.05
C GLY B 218 -6.69 -24.98 -1.32
N ILE B 219 -6.86 -26.11 -2.03
CA ILE B 219 -6.13 -26.34 -3.31
C ILE B 219 -6.99 -26.87 -4.50
N GLY B 220 -8.06 -27.66 -4.18
CA GLY B 220 -8.89 -28.33 -5.22
C GLY B 220 -9.99 -27.40 -5.75
N ARG B 221 -11.10 -27.39 -5.01
CA ARG B 221 -12.20 -26.51 -5.37
C ARG B 221 -11.76 -25.06 -5.38
N SER B 222 -10.92 -24.72 -4.41
CA SER B 222 -10.33 -23.34 -4.34
C SER B 222 -9.57 -22.99 -5.61
N GLY B 223 -8.72 -23.93 -6.06
CA GLY B 223 -8.11 -23.75 -7.38
C GLY B 223 -8.97 -23.53 -8.58
N THR B 224 -10.16 -24.24 -8.65
CA THR B 224 -11.11 -24.04 -9.75
C THR B 224 -11.59 -22.58 -9.78
N PHE B 225 -11.86 -22.05 -8.59
CA PHE B 225 -12.44 -20.68 -8.45
C PHE B 225 -11.42 -19.61 -9.01
N CYS B 226 -10.17 -19.68 -8.52
CA CYS B 226 -9.17 -18.72 -8.87
CA CYS B 226 -9.22 -18.63 -8.99
C CYS B 226 -8.76 -18.91 -10.39
N LEU B 227 -8.62 -20.18 -10.81
CA LEU B 227 -8.31 -20.47 -12.22
C LEU B 227 -9.32 -19.98 -13.25
N ALA B 228 -10.61 -20.23 -12.94
CA ALA B 228 -11.66 -19.73 -13.79
C ALA B 228 -11.69 -18.17 -13.85
N ASP B 229 -11.64 -17.53 -12.68
CA ASP B 229 -11.69 -16.05 -12.63
C ASP B 229 -10.51 -15.44 -13.45
N THR B 230 -9.30 -15.98 -13.23
CA THR B 230 -8.12 -15.45 -13.89
C THR B 230 -8.20 -15.64 -15.41
N CYS B 231 -8.58 -16.82 -15.87
CA CYS B 231 -8.71 -17.08 -17.29
C CYS B 231 -9.75 -16.16 -17.98
N LEU B 232 -10.89 -15.93 -17.31
CA LEU B 232 -11.91 -14.99 -17.80
C LEU B 232 -11.40 -13.52 -17.87
N LEU B 233 -10.59 -13.13 -16.88
CA LEU B 233 -9.94 -11.82 -16.94
C LEU B 233 -9.02 -11.65 -18.14
N LEU B 234 -8.23 -12.67 -18.40
CA LEU B 234 -7.23 -12.61 -19.46
C LEU B 234 -7.96 -12.49 -20.81
N MET B 235 -9.04 -13.25 -20.97
CA MET B 235 -9.78 -13.17 -22.21
C MET B 235 -10.44 -11.82 -22.46
N ASP B 236 -10.89 -11.16 -21.41
CA ASP B 236 -11.47 -9.82 -21.58
C ASP B 236 -10.38 -8.75 -21.86
N LYS B 237 -9.20 -8.91 -21.25
CA LYS B 237 -8.07 -7.97 -21.35
C LYS B 237 -7.29 -8.12 -22.66
N ARG B 238 -6.97 -9.35 -23.07
CA ARG B 238 -6.07 -9.54 -24.22
C ARG B 238 -6.68 -9.15 -25.55
N LYS B 239 -5.82 -8.75 -26.49
CA LYS B 239 -6.30 -8.38 -27.82
C LYS B 239 -6.68 -9.66 -28.57
N ASP B 240 -5.97 -10.75 -28.28
CA ASP B 240 -6.20 -12.09 -28.86
C ASP B 240 -6.63 -13.10 -27.77
N PRO B 241 -7.94 -13.22 -27.52
CA PRO B 241 -8.43 -14.00 -26.35
C PRO B 241 -8.29 -15.51 -26.49
N SER B 242 -7.97 -15.96 -27.70
CA SER B 242 -7.72 -17.37 -28.00
C SER B 242 -6.27 -17.78 -27.82
N SER B 243 -5.43 -16.85 -27.37
CA SER B 243 -4.06 -17.18 -26.93
C SER B 243 -4.03 -17.74 -25.50
N VAL B 244 -5.14 -17.57 -24.79
CA VAL B 244 -5.27 -18.07 -23.40
C VAL B 244 -5.24 -19.63 -23.32
N ASP B 245 -4.15 -20.16 -22.74
CA ASP B 245 -3.94 -21.62 -22.51
C ASP B 245 -4.09 -21.92 -21.00
N ILE B 246 -5.15 -22.64 -20.66
CA ILE B 246 -5.52 -22.98 -19.28
CA ILE B 246 -5.47 -22.84 -19.26
C ILE B 246 -4.41 -23.72 -18.53
N LYS B 247 -3.79 -24.70 -19.25
CA LYS B 247 -2.66 -25.45 -18.65
C LYS B 247 -1.53 -24.49 -18.19
N LYS B 248 -1.17 -23.56 -19.09
CA LYS B 248 -0.11 -22.57 -18.75
C LYS B 248 -0.48 -21.64 -17.55
N VAL B 249 -1.73 -21.14 -17.52
CA VAL B 249 -2.18 -20.30 -16.37
C VAL B 249 -2.14 -21.12 -15.06
N LEU B 250 -2.60 -22.40 -15.12
CA LEU B 250 -2.52 -23.22 -13.92
C LEU B 250 -1.07 -23.41 -13.38
N LEU B 251 -0.15 -23.71 -14.34
CA LEU B 251 1.26 -23.87 -13.90
C LEU B 251 1.81 -22.59 -13.27
N GLU B 252 1.40 -21.44 -13.82
CA GLU B 252 1.77 -20.16 -13.18
C GLU B 252 1.21 -20.03 -11.75
N MET B 253 -0.05 -20.44 -11.58
CA MET B 253 -0.64 -20.37 -10.23
C MET B 253 0.06 -21.30 -9.22
N ARG B 254 0.45 -22.50 -9.74
CA ARG B 254 1.15 -23.46 -8.92
C ARG B 254 2.59 -23.07 -8.49
N LYS B 255 3.12 -21.93 -9.01
CA LYS B 255 4.31 -21.39 -8.43
C LYS B 255 4.11 -20.75 -7.03
N PHE B 256 2.81 -20.47 -6.71
CA PHE B 256 2.48 -19.77 -5.46
C PHE B 256 1.87 -20.65 -4.37
N ARG B 257 1.23 -21.76 -4.81
CA ARG B 257 0.77 -22.75 -3.83
C ARG B 257 0.68 -24.13 -4.56
N MET B 258 1.16 -25.11 -3.83
CA MET B 258 1.23 -26.53 -4.37
C MET B 258 -0.14 -27.17 -4.60
N GLY B 259 -0.27 -27.98 -5.62
CA GLY B 259 -1.40 -28.91 -5.74
C GLY B 259 -2.71 -28.36 -6.24
N LEU B 260 -2.73 -27.14 -6.73
CA LEU B 260 -3.97 -26.51 -7.19
C LEU B 260 -4.57 -27.34 -8.32
N ILE B 261 -5.87 -27.69 -8.15
CA ILE B 261 -6.59 -28.62 -9.00
C ILE B 261 -6.13 -30.06 -8.63
N GLN B 262 -6.99 -30.83 -7.97
CA GLN B 262 -6.62 -32.12 -7.34
C GLN B 262 -6.96 -33.35 -8.19
N THR B 263 -7.77 -33.21 -9.22
CA THR B 263 -8.26 -34.30 -10.09
C THR B 263 -8.47 -33.91 -11.55
N ALA B 264 -8.45 -34.91 -12.44
CA ALA B 264 -8.78 -34.72 -13.82
C ALA B 264 -10.20 -34.14 -14.06
N ASP B 265 -11.16 -34.56 -13.17
CA ASP B 265 -12.51 -34.04 -13.28
C ASP B 265 -12.55 -32.50 -12.94
N GLN B 266 -11.80 -32.09 -11.92
CA GLN B 266 -11.72 -30.67 -11.58
C GLN B 266 -11.07 -29.89 -12.75
N LEU B 267 -10.08 -30.51 -13.38
CA LEU B 267 -9.54 -29.85 -14.59
C LEU B 267 -10.55 -29.66 -15.72
N ARG B 268 -11.30 -30.73 -16.08
CA ARG B 268 -12.33 -30.65 -17.09
C ARG B 268 -13.43 -29.56 -16.73
N PHE B 269 -13.81 -29.59 -15.44
CA PHE B 269 -14.82 -28.65 -14.94
C PHE B 269 -14.35 -27.15 -15.08
N SER B 270 -13.05 -26.92 -14.83
CA SER B 270 -12.46 -25.58 -14.99
C SER B 270 -12.51 -25.12 -16.45
N TYR B 271 -12.13 -25.96 -17.41
CA TYR B 271 -12.31 -25.64 -18.83
C TYR B 271 -13.76 -25.29 -19.17
N LEU B 272 -14.71 -26.13 -18.71
CA LEU B 272 -16.14 -25.96 -18.96
C LEU B 272 -16.66 -24.60 -18.40
N ALA B 273 -16.22 -24.28 -17.19
CA ALA B 273 -16.60 -22.97 -16.59
C ALA B 273 -16.08 -21.76 -17.41
N VAL B 274 -14.83 -21.85 -17.84
CA VAL B 274 -14.29 -20.73 -18.62
C VAL B 274 -14.97 -20.59 -19.97
N ILE B 275 -15.23 -21.72 -20.68
CA ILE B 275 -15.92 -21.72 -21.95
C ILE B 275 -17.35 -21.10 -21.88
N GLU B 276 -18.14 -21.58 -20.90
CA GLU B 276 -19.52 -21.05 -20.73
C GLU B 276 -19.50 -19.59 -20.23
N GLY B 277 -18.57 -19.26 -19.33
CA GLY B 277 -18.42 -17.84 -18.83
C GLY B 277 -18.13 -16.90 -19.94
N ALA B 278 -17.17 -17.26 -20.78
CA ALA B 278 -16.77 -16.40 -21.90
C ALA B 278 -17.89 -16.14 -22.91
N LYS B 279 -18.71 -17.16 -23.21
CA LYS B 279 -19.87 -17.03 -24.08
C LYS B 279 -20.88 -15.98 -23.59
N PHE B 280 -21.02 -15.87 -22.26
CA PHE B 280 -21.93 -14.88 -21.66
C PHE B 280 -21.34 -13.47 -21.60
N ILE B 281 -20.09 -13.30 -21.15
CA ILE B 281 -19.53 -11.93 -20.97
C ILE B 281 -18.94 -11.30 -22.21
N MET B 282 -18.58 -12.10 -23.22
CA MET B 282 -17.97 -11.62 -24.48
C MET B 282 -18.85 -11.89 -25.70
N GLY B 283 -19.63 -12.98 -25.65
CA GLY B 283 -20.48 -13.34 -26.74
C GLY B 283 -20.21 -14.72 -27.23
N ASP B 284 -21.25 -15.30 -27.83
CA ASP B 284 -21.34 -16.75 -28.12
C ASP B 284 -21.45 -16.96 -29.63
FAB KB8 C . 1.31 8.35 -3.14
CAU KB8 C . 1.83 7.15 -3.00
FAC KB8 C . 2.75 6.96 -3.91
FAD KB8 C . 2.34 6.94 -1.79
CAP KB8 C . 0.68 6.32 -3.34
CAG KB8 C . -0.19 5.89 -2.32
NAM KB8 C . 0.44 6.17 -4.66
CAR KB8 C . -0.63 5.49 -5.10
CAF KB8 C . -0.81 5.30 -6.47
CAE KB8 C . -1.92 4.59 -6.93
CAO KB8 C . -2.85 4.05 -6.05
CAA KB8 C . -4.02 3.29 -6.64
CAH KB8 C . -2.70 4.20 -4.65
CAS KB8 C . -1.62 4.93 -4.12
CAQ KB8 C . -1.35 5.17 -2.64
NAT KB8 C . -2.25 4.67 -1.64
CAK KB8 C . -1.75 4.46 -0.24
CAI KB8 C . -2.76 3.48 0.44
NAN KB8 C . -4.13 4.02 0.44
CAJ KB8 C . -4.60 4.60 -0.85
CAL KB8 C . -3.50 5.45 -1.57
FAB KB8 D . 18.45 2.96 11.68
CAU KB8 D . 18.78 2.50 12.86
FAC KB8 D . 20.10 2.32 12.96
FAD KB8 D . 18.44 3.35 13.80
CAP KB8 D . 17.94 1.26 12.96
CAG KB8 D . 16.60 1.38 13.32
NAM KB8 D . 18.48 0.08 12.62
CAR KB8 D . 17.76 -1.07 12.63
CAF KB8 D . 18.35 -2.28 12.29
CAE KB8 D . 17.61 -3.46 12.33
CAO KB8 D . 16.28 -3.49 12.69
CAA KB8 D . 15.57 -4.84 12.67
CAH KB8 D . 15.63 -2.30 13.03
CAS KB8 D . 16.33 -1.08 13.03
CAQ KB8 D . 15.77 0.25 13.39
NAT KB8 D . 14.41 0.34 13.74
CAK KB8 D . 14.05 -0.43 14.96
CAI KB8 D . 12.54 -0.69 14.86
NAN KB8 D . 11.96 0.65 14.99
CAJ KB8 D . 12.36 1.60 13.94
CAL KB8 D . 13.90 1.72 13.89
MG MG E . -32.76 -17.35 15.26
S DMS F . 2.62 -27.42 18.31
O DMS F . 1.85 -28.18 17.27
C1 DMS F . 1.58 -26.74 19.48
C2 DMS F . 3.52 -28.47 19.31
#